data_3G5E
#
_entry.id   3G5E
#
_cell.length_a   50.016
_cell.length_b   67.204
_cell.length_c   47.861
_cell.angle_alpha   90.00
_cell.angle_beta   92.58
_cell.angle_gamma   90.00
#
_symmetry.space_group_name_H-M   'P 1 21 1'
#
loop_
_entity.id
_entity.type
_entity.pdbx_description
1 polymer 'Aldose reductase'
2 non-polymer 'NADPH DIHYDRO-NICOTINAMIDE-ADENINE-DINUCLEOTIDE PHOSPHATE'
3 non-polymer '2-(3-((4,5,7-trifluorobenzo[d]thiazol-2-yl)methyl)-1H-pyrrolo[2,3-b]pyridin-1-yl)acetic acid'
4 water water
#
_entity_poly.entity_id   1
_entity_poly.type   'polypeptide(L)'
_entity_poly.pdbx_seq_one_letter_code
;GSHMASRILLNNGAKMPILGLGTWKSPPGQVTEAVKVAIDVGYRHIDCAHVYQNENEVGVAIQEKLREQVVKREELFIVS
KLWCTYHEKGLVKGACQKTLSDLKLDYLDLYLIHWPTGFKPGKEFFPLDESGNVVPSDTNILDTWAAMEELVDEGLVKAI
GISNFNHLQVEMILNKPGLKYKPAVNQIECHPYLTQEKLIQYCQSKGIVVTAYSPLGSPDRPWAKPEDPSLLEDPRIKAI
AAKHNKTTAQVLIRFPMQRNLVVIPKSVTPERIAENFKVFDFELSSQDMTTLLSYNRNWRVCALLSCTSHKDYPFHEEF
;
_entity_poly.pdbx_strand_id   A
#
loop_
_chem_comp.id
_chem_comp.type
_chem_comp.name
_chem_comp.formula
NDP non-polymer 'NADPH DIHYDRO-NICOTINAMIDE-ADENINE-DINUCLEOTIDE PHOSPHATE' 'C21 H30 N7 O17 P3'
Q74 non-polymer '2-(3-((4,5,7-trifluorobenzo[d]thiazol-2-yl)methyl)-1H-pyrrolo[2,3-b]pyridin-1-yl)acetic acid' 'C17 H10 F3 N3 O2 S'
#
# COMPACT_ATOMS: atom_id res chain seq x y z
N MET A 4 11.20 -10.41 -15.34
CA MET A 4 10.45 -9.22 -15.85
C MET A 4 11.22 -7.92 -15.58
N ALA A 5 10.65 -6.80 -16.03
CA ALA A 5 11.18 -5.47 -15.69
C ALA A 5 10.93 -5.22 -14.21
N SER A 6 11.85 -4.50 -13.56
CA SER A 6 11.76 -4.25 -12.12
C SER A 6 10.86 -3.06 -11.78
N ARG A 7 10.46 -2.28 -12.78
N ARG A 7 10.45 -2.30 -12.79
CA ARG A 7 9.55 -1.14 -12.57
CA ARG A 7 9.54 -1.17 -12.60
C ARG A 7 8.34 -1.18 -13.52
C ARG A 7 8.29 -1.28 -13.48
N ILE A 8 7.22 -0.59 -13.08
CA ILE A 8 5.97 -0.56 -13.87
C ILE A 8 5.63 0.89 -14.21
N LEU A 9 5.16 1.13 -15.43
CA LEU A 9 4.91 2.51 -15.88
C LEU A 9 3.54 2.99 -15.35
N LEU A 10 3.53 4.18 -14.74
CA LEU A 10 2.28 4.81 -14.25
C LEU A 10 1.77 5.79 -15.29
N ASN A 11 0.55 6.29 -15.08
CA ASN A 11 -0.07 7.15 -16.07
C ASN A 11 0.43 8.60 -16.06
N ASN A 12 1.32 8.92 -15.12
CA ASN A 12 2.02 10.21 -15.15
C ASN A 12 3.38 10.09 -15.86
N GLY A 13 3.68 8.90 -16.39
CA GLY A 13 4.94 8.68 -17.08
C GLY A 13 6.13 8.31 -16.20
N ALA A 14 5.90 8.17 -14.90
CA ALA A 14 6.96 7.75 -13.98
C ALA A 14 6.98 6.22 -13.82
N LYS A 15 8.13 5.66 -13.49
CA LYS A 15 8.26 4.21 -13.31
C LYS A 15 8.32 3.88 -11.83
N MET A 16 7.49 2.94 -11.40
CA MET A 16 7.36 2.58 -9.98
C MET A 16 7.97 1.20 -9.78
N PRO A 17 8.94 1.05 -8.83
CA PRO A 17 9.52 -0.25 -8.59
C PRO A 17 8.46 -1.27 -8.12
N ILE A 18 8.46 -2.47 -8.70
CA ILE A 18 7.38 -3.42 -8.39
C ILE A 18 7.51 -4.07 -7.01
N LEU A 19 8.69 -3.92 -6.39
CA LEU A 19 8.92 -4.41 -5.01
C LEU A 19 9.20 -3.21 -4.12
N GLY A 20 8.45 -3.10 -3.02
CA GLY A 20 8.75 -2.06 -2.04
C GLY A 20 8.78 -2.61 -0.64
N LEU A 21 9.22 -1.79 0.31
CA LEU A 21 9.24 -2.17 1.72
C LEU A 21 8.06 -1.55 2.47
N GLY A 22 7.26 -2.40 3.12
CA GLY A 22 6.19 -1.95 4.02
C GLY A 22 6.69 -1.46 5.36
N THR A 23 5.97 -0.51 5.97
CA THR A 23 6.40 0.06 7.27
C THR A 23 5.31 0.10 8.37
N TRP A 24 4.14 -0.46 8.09
CA TRP A 24 3.09 -0.52 9.13
C TRP A 24 3.52 -1.52 10.19
N LYS A 25 3.47 -1.07 11.45
CA LYS A 25 3.85 -1.87 12.64
C LYS A 25 5.36 -1.94 12.85
N SER A 26 6.14 -1.24 12.04
CA SER A 26 7.60 -1.27 12.21
C SER A 26 7.91 -0.27 13.33
N PRO A 27 8.40 -0.76 14.47
CA PRO A 27 8.64 0.12 15.61
C PRO A 27 9.65 1.22 15.29
N PRO A 28 9.45 2.43 15.84
CA PRO A 28 10.31 3.59 15.56
C PRO A 28 11.78 3.31 15.87
N GLY A 29 12.03 2.47 16.88
CA GLY A 29 13.40 2.11 17.23
C GLY A 29 14.09 1.09 16.34
N GLN A 30 13.35 0.51 15.39
CA GLN A 30 13.89 -0.51 14.49
C GLN A 30 13.75 -0.14 13.02
N VAL A 31 12.81 0.76 12.71
CA VAL A 31 12.52 1.09 11.30
C VAL A 31 13.67 1.82 10.59
N THR A 32 14.47 2.58 11.33
CA THR A 32 15.57 3.32 10.70
C THR A 32 16.58 2.31 10.15
N GLU A 33 16.99 1.35 10.98
CA GLU A 33 17.87 0.28 10.53
C GLU A 33 17.24 -0.54 9.39
N ALA A 34 15.95 -0.83 9.50
CA ALA A 34 15.29 -1.64 8.44
C ALA A 34 15.41 -0.97 7.08
N VAL A 35 15.14 0.33 7.04
CA VAL A 35 15.16 1.08 5.77
C VAL A 35 16.60 1.23 5.23
N LYS A 36 17.56 1.48 6.13
CA LYS A 36 18.97 1.50 5.72
C LYS A 36 19.44 0.20 5.06
N VAL A 37 19.14 -0.93 5.69
CA VAL A 37 19.50 -2.24 5.16
C VAL A 37 18.79 -2.49 3.83
N ALA A 38 17.49 -2.17 3.78
CA ALA A 38 16.72 -2.33 2.53
C ALA A 38 17.37 -1.57 1.39
N ILE A 39 17.74 -0.31 1.61
CA ILE A 39 18.35 0.48 0.53
C ILE A 39 19.69 -0.16 0.10
N ASP A 40 20.47 -0.61 1.07
CA ASP A 40 21.75 -1.28 0.78
C ASP A 40 21.61 -2.52 -0.09
N VAL A 41 20.56 -3.30 0.11
CA VAL A 41 20.40 -4.52 -0.68
C VAL A 41 19.58 -4.34 -1.97
N GLY A 42 19.02 -3.16 -2.18
CA GLY A 42 18.49 -2.82 -3.51
C GLY A 42 17.07 -2.26 -3.56
N TYR A 43 16.38 -2.17 -2.42
CA TYR A 43 15.03 -1.64 -2.44
C TYR A 43 15.10 -0.18 -2.82
N ARG A 44 14.13 0.26 -3.62
CA ARG A 44 14.05 1.67 -4.02
C ARG A 44 12.67 2.29 -3.79
N HIS A 45 11.77 1.53 -3.18
CA HIS A 45 10.37 1.94 -2.97
C HIS A 45 10.04 1.66 -1.51
N ILE A 46 9.59 2.68 -0.79
CA ILE A 46 9.18 2.55 0.61
C ILE A 46 7.73 3.00 0.74
N ASP A 47 6.90 2.16 1.37
CA ASP A 47 5.49 2.49 1.60
C ASP A 47 5.33 3.01 3.03
N CYS A 48 4.83 4.24 3.18
CA CYS A 48 4.73 4.92 4.49
C CYS A 48 3.29 5.42 4.70
N ALA A 49 3.02 5.86 5.93
CA ALA A 49 1.79 6.62 6.22
C ALA A 49 1.96 7.39 7.51
N HIS A 50 1.31 8.53 7.60
CA HIS A 50 1.29 9.33 8.83
C HIS A 50 0.77 8.50 10.01
N VAL A 51 -0.28 7.72 9.76
CA VAL A 51 -0.94 6.92 10.82
C VAL A 51 -0.01 5.82 11.41
N TYR A 52 1.06 5.49 10.69
CA TYR A 52 2.01 4.46 11.20
C TYR A 52 2.90 4.98 12.31
N GLN A 53 2.92 6.31 12.49
CA GLN A 53 3.63 6.98 13.60
C GLN A 53 5.14 6.75 13.58
N ASN A 54 5.70 6.52 12.40
CA ASN A 54 7.14 6.29 12.31
C ASN A 54 7.76 6.99 11.12
N GLU A 55 7.07 7.98 10.53
CA GLU A 55 7.63 8.62 9.33
C GLU A 55 8.90 9.43 9.63
N ASN A 56 9.01 10.00 10.83
CA ASN A 56 10.26 10.72 11.18
C ASN A 56 11.48 9.79 11.08
N GLU A 57 11.35 8.59 11.63
CA GLU A 57 12.44 7.63 11.69
C GLU A 57 12.74 7.01 10.30
N VAL A 58 11.69 6.81 9.50
CA VAL A 58 11.92 6.42 8.09
C VAL A 58 12.73 7.52 7.39
N GLY A 59 12.35 8.77 7.62
CA GLY A 59 13.06 9.90 7.04
C GLY A 59 14.54 9.94 7.41
N VAL A 60 14.86 9.59 8.66
CA VAL A 60 16.27 9.58 9.13
C VAL A 60 17.08 8.61 8.28
N ALA A 61 16.51 7.44 7.99
CA ALA A 61 17.21 6.44 7.15
C ALA A 61 17.46 6.92 5.72
N ILE A 62 16.42 7.48 5.11
CA ILE A 62 16.50 8.01 3.75
C ILE A 62 17.57 9.08 3.68
N GLN A 63 17.53 10.04 4.62
CA GLN A 63 18.54 11.10 4.61
C GLN A 63 19.97 10.57 4.76
N GLU A 64 20.16 9.57 5.61
CA GLU A 64 21.51 9.01 5.81
C GLU A 64 22.05 8.39 4.53
N LYS A 65 21.18 7.68 3.80
CA LYS A 65 21.61 7.00 2.55
C LYS A 65 21.82 7.98 1.39
N LEU A 66 21.07 9.07 1.37
CA LEU A 66 21.32 10.17 0.42
C LEU A 66 22.67 10.82 0.70
N ARG A 67 22.91 11.16 1.98
CA ARG A 67 24.18 11.78 2.40
C ARG A 67 25.38 10.86 2.15
N GLU A 68 25.21 9.55 2.36
CA GLU A 68 26.28 8.59 2.12
C GLU A 68 26.56 8.35 0.62
N GLN A 69 25.68 8.89 -0.23
CA GLN A 69 25.69 8.70 -1.70
C GLN A 69 25.53 7.23 -2.13
N VAL A 70 24.69 6.51 -1.39
CA VAL A 70 24.32 5.14 -1.77
C VAL A 70 23.27 5.21 -2.85
N VAL A 71 22.42 6.23 -2.78
N VAL A 71 22.44 6.25 -2.80
CA VAL A 71 21.35 6.45 -3.73
CA VAL A 71 21.33 6.42 -3.73
C VAL A 71 21.20 7.95 -3.95
C VAL A 71 21.12 7.92 -3.92
N LYS A 72 20.60 8.32 -5.09
CA LYS A 72 20.14 9.71 -5.35
C LYS A 72 18.62 9.75 -5.19
N ARG A 73 18.09 10.92 -4.88
CA ARG A 73 16.63 11.09 -4.66
C ARG A 73 15.79 10.59 -5.84
N GLU A 74 16.24 10.90 -7.04
N GLU A 74 16.23 10.88 -7.06
CA GLU A 74 15.53 10.53 -8.26
CA GLU A 74 15.49 10.49 -8.26
C GLU A 74 15.32 9.00 -8.38
C GLU A 74 15.37 8.98 -8.47
N GLU A 75 16.17 8.22 -7.72
CA GLU A 75 16.17 6.75 -7.81
C GLU A 75 15.19 6.12 -6.83
N LEU A 76 14.75 6.91 -5.86
CA LEU A 76 13.84 6.45 -4.81
C LEU A 76 12.40 6.72 -5.19
N PHE A 77 11.52 5.86 -4.73
CA PHE A 77 10.08 6.04 -4.96
C PHE A 77 9.40 5.99 -3.59
N ILE A 78 8.96 7.15 -3.09
CA ILE A 78 8.46 7.23 -1.71
C ILE A 78 6.98 7.50 -1.73
N VAL A 79 6.25 6.68 -0.99
CA VAL A 79 4.79 6.71 -1.01
C VAL A 79 4.30 7.02 0.40
N SER A 80 3.34 7.94 0.53
CA SER A 80 2.63 8.07 1.81
C SER A 80 1.14 8.22 1.52
N LYS A 81 0.34 8.44 2.58
CA LYS A 81 -1.11 8.34 2.50
C LYS A 81 -1.75 9.36 3.42
N LEU A 82 -2.85 9.93 2.94
CA LEU A 82 -3.65 10.91 3.66
C LEU A 82 -4.62 10.18 4.59
N TRP A 83 -4.55 10.48 5.89
CA TRP A 83 -5.36 9.75 6.87
C TRP A 83 -6.83 10.25 6.85
N CYS A 84 -7.74 9.43 7.37
CA CYS A 84 -9.19 9.64 7.30
C CYS A 84 -9.72 10.92 7.97
N THR A 85 -8.98 11.41 8.96
CA THR A 85 -9.33 12.62 9.70
C THR A 85 -8.96 13.91 8.96
N TYR A 86 -8.35 13.78 7.79
CA TYR A 86 -7.95 14.95 6.99
C TYR A 86 -8.61 15.01 5.61
N HIS A 87 -9.81 14.43 5.46
CA HIS A 87 -10.48 14.45 4.15
C HIS A 87 -11.02 15.81 3.75
N GLU A 88 -11.27 16.71 4.72
CA GLU A 88 -11.75 18.05 4.39
C GLU A 88 -10.77 18.78 3.47
N LYS A 89 -11.34 19.44 2.46
CA LYS A 89 -10.56 20.16 1.45
C LYS A 89 -9.43 21.02 2.00
N GLY A 90 -9.70 21.75 3.08
CA GLY A 90 -8.70 22.64 3.66
C GLY A 90 -7.66 21.99 4.59
N LEU A 91 -7.77 20.69 4.82
CA LEU A 91 -6.81 19.99 5.68
C LEU A 91 -5.80 19.15 4.90
N VAL A 92 -6.06 18.95 3.62
CA VAL A 92 -5.27 17.98 2.83
C VAL A 92 -3.83 18.49 2.64
N LYS A 93 -3.66 19.76 2.27
CA LYS A 93 -2.30 20.30 2.07
C LYS A 93 -1.45 20.21 3.34
N GLY A 94 -2.02 20.64 4.46
CA GLY A 94 -1.35 20.54 5.76
C GLY A 94 -0.92 19.14 6.16
N ALA A 95 -1.76 18.15 5.85
CA ALA A 95 -1.45 16.75 6.18
C ALA A 95 -0.27 16.29 5.33
N CYS A 96 -0.28 16.67 4.06
CA CYS A 96 0.81 16.33 3.15
C CYS A 96 2.12 17.01 3.59
N GLN A 97 2.02 18.26 4.02
CA GLN A 97 3.22 18.98 4.42
C GLN A 97 3.83 18.40 5.67
N LYS A 98 2.99 17.93 6.60
CA LYS A 98 3.53 17.27 7.83
C LYS A 98 4.32 16.02 7.47
N THR A 99 3.76 15.23 6.55
CA THR A 99 4.46 14.01 6.06
C THR A 99 5.80 14.37 5.39
N LEU A 100 5.80 15.40 4.54
CA LEU A 100 7.03 15.85 3.86
C LEU A 100 8.09 16.29 4.88
N SER A 101 7.64 17.01 5.91
N SER A 101 7.65 16.99 5.93
CA SER A 101 8.50 17.46 7.00
CA SER A 101 8.55 17.46 7.00
C SER A 101 9.14 16.28 7.75
C SER A 101 9.15 16.30 7.83
N ASP A 102 8.33 15.32 8.17
CA ASP A 102 8.81 14.10 8.88
C ASP A 102 9.75 13.26 7.99
N LEU A 103 9.37 13.05 6.74
CA LEU A 103 10.23 12.29 5.83
C LEU A 103 11.47 13.07 5.38
N LYS A 104 11.48 14.38 5.63
CA LYS A 104 12.58 15.30 5.21
C LYS A 104 12.76 15.32 3.70
N LEU A 105 11.65 15.39 2.97
CA LEU A 105 11.67 15.40 1.51
C LEU A 105 11.00 16.66 1.02
N ASP A 106 11.27 17.07 -0.22
N ASP A 106 11.27 17.03 -0.24
CA ASP A 106 10.56 18.22 -0.78
CA ASP A 106 10.64 18.19 -0.89
C ASP A 106 9.48 17.85 -1.80
C ASP A 106 9.36 17.81 -1.62
N TYR A 107 9.29 16.55 -2.03
CA TYR A 107 8.15 16.03 -2.79
C TYR A 107 7.97 14.54 -2.52
N LEU A 108 6.75 14.03 -2.73
CA LEU A 108 6.46 12.59 -2.68
C LEU A 108 6.31 12.05 -4.08
N ASP A 109 6.70 10.80 -4.32
CA ASP A 109 6.45 10.23 -5.65
C ASP A 109 4.99 9.88 -5.85
N LEU A 110 4.35 9.43 -4.78
CA LEU A 110 2.93 9.04 -4.84
C LEU A 110 2.26 9.34 -3.49
N TYR A 111 1.04 9.90 -3.52
CA TYR A 111 0.32 10.16 -2.28
C TYR A 111 -1.08 9.58 -2.49
N LEU A 112 -1.54 8.76 -1.55
CA LEU A 112 -2.78 8.02 -1.70
C LEU A 112 -3.83 8.52 -0.70
N ILE A 113 -5.10 8.48 -1.10
CA ILE A 113 -6.15 8.58 -0.08
C ILE A 113 -6.18 7.23 0.65
N HIS A 114 -5.88 7.24 1.95
CA HIS A 114 -5.61 5.98 2.68
C HIS A 114 -6.81 5.05 2.70
N TRP A 115 -7.99 5.61 2.97
CA TRP A 115 -9.25 4.85 2.97
C TRP A 115 -10.31 5.80 2.41
N PRO A 116 -11.40 5.27 1.82
CA PRO A 116 -12.44 6.15 1.25
C PRO A 116 -13.25 6.89 2.32
N THR A 117 -13.21 6.40 3.55
CA THR A 117 -14.01 6.94 4.66
C THR A 117 -13.40 8.19 5.33
N GLY A 118 -14.12 9.31 5.34
CA GLY A 118 -13.65 10.47 6.09
C GLY A 118 -14.17 10.41 7.53
N PHE A 119 -13.31 10.71 8.50
CA PHE A 119 -13.68 10.71 9.93
C PHE A 119 -13.66 12.15 10.45
N LYS A 120 -14.37 12.41 11.55
CA LYS A 120 -14.33 13.71 12.23
CA LYS A 120 -14.33 13.71 12.23
C LYS A 120 -12.89 14.18 12.49
N PRO A 121 -12.56 15.43 12.09
CA PRO A 121 -11.22 15.97 12.29
C PRO A 121 -10.93 16.16 13.77
N GLY A 122 -9.67 16.00 14.13
CA GLY A 122 -9.27 16.12 15.50
C GLY A 122 -7.99 15.37 15.75
N LYS A 123 -7.62 15.24 17.02
CA LYS A 123 -6.33 14.63 17.31
CA LYS A 123 -6.36 14.61 17.47
C LYS A 123 -6.39 13.10 17.33
N GLU A 124 -7.58 12.54 17.50
N GLU A 124 -7.59 12.53 17.41
CA GLU A 124 -7.77 11.10 17.48
CA GLU A 124 -7.76 11.09 17.49
C GLU A 124 -7.79 10.58 16.05
C GLU A 124 -7.92 10.45 16.12
N PHE A 125 -7.03 9.50 15.79
CA PHE A 125 -7.09 8.83 14.50
C PHE A 125 -8.37 8.06 14.22
N PHE A 126 -8.98 7.50 15.27
CA PHE A 126 -10.26 6.84 15.17
C PHE A 126 -11.22 7.41 16.22
N PRO A 127 -11.86 8.55 15.91
CA PRO A 127 -12.83 9.15 16.83
C PRO A 127 -14.08 8.26 16.91
N LEU A 128 -14.45 7.86 18.14
CA LEU A 128 -15.57 6.94 18.32
C LEU A 128 -16.68 7.64 19.10
N ASP A 129 -17.92 7.21 18.86
CA ASP A 129 -19.04 7.75 19.66
C ASP A 129 -19.25 6.86 20.88
N GLU A 130 -20.25 7.20 21.70
CA GLU A 130 -20.46 6.52 22.98
C GLU A 130 -20.64 5.01 22.88
N SER A 131 -21.12 4.53 21.74
CA SER A 131 -21.26 3.09 21.54
C SER A 131 -20.25 2.47 20.54
N GLY A 132 -19.15 3.15 20.28
CA GLY A 132 -18.03 2.54 19.54
C GLY A 132 -18.09 2.56 18.02
N ASN A 133 -19.01 3.35 17.47
CA ASN A 133 -19.03 3.59 16.03
C ASN A 133 -18.08 4.71 15.71
N VAL A 134 -17.35 4.62 14.60
CA VAL A 134 -16.53 5.74 14.16
C VAL A 134 -17.42 6.95 13.82
N VAL A 135 -16.98 8.14 14.18
CA VAL A 135 -17.72 9.36 13.88
C VAL A 135 -17.28 9.82 12.48
N PRO A 136 -18.20 9.80 11.50
CA PRO A 136 -17.86 10.23 10.13
C PRO A 136 -17.74 11.75 9.99
N SER A 137 -17.06 12.19 8.94
CA SER A 137 -17.15 13.59 8.53
C SER A 137 -18.08 13.69 7.32
N ASP A 138 -18.63 14.87 7.09
CA ASP A 138 -19.55 15.07 5.96
CA ASP A 138 -19.54 15.10 5.98
C ASP A 138 -18.81 15.39 4.66
N THR A 139 -17.68 14.76 4.44
CA THR A 139 -16.91 15.00 3.25
C THR A 139 -17.25 13.93 2.25
N ASN A 140 -17.12 14.24 0.97
CA ASN A 140 -17.24 13.14 0.02
C ASN A 140 -15.94 12.96 -0.72
N ILE A 141 -15.79 11.78 -1.28
CA ILE A 141 -14.60 11.32 -2.01
CA ILE A 141 -14.52 11.42 -1.92
C ILE A 141 -14.16 12.32 -3.10
N LEU A 142 -15.15 12.90 -3.79
CA LEU A 142 -14.88 13.77 -4.93
C LEU A 142 -14.21 15.09 -4.57
N ASP A 143 -14.64 15.70 -3.47
CA ASP A 143 -14.02 16.92 -2.98
C ASP A 143 -12.62 16.65 -2.42
N THR A 144 -12.45 15.52 -1.74
CA THR A 144 -11.11 15.14 -1.30
C THR A 144 -10.21 14.98 -2.53
N TRP A 145 -10.71 14.30 -3.58
CA TRP A 145 -9.91 14.12 -4.81
C TRP A 145 -9.44 15.45 -5.40
N ALA A 146 -10.33 16.43 -5.48
CA ALA A 146 -9.97 17.75 -5.97
C ALA A 146 -8.83 18.40 -5.17
N ALA A 147 -8.85 18.24 -3.84
CA ALA A 147 -7.77 18.73 -3.00
C ALA A 147 -6.45 17.98 -3.26
N MET A 148 -6.53 16.69 -3.57
CA MET A 148 -5.34 15.90 -3.90
C MET A 148 -4.74 16.38 -5.22
N GLU A 149 -5.60 16.69 -6.20
CA GLU A 149 -5.17 17.22 -7.50
C GLU A 149 -4.38 18.52 -7.33
N GLU A 150 -4.77 19.36 -6.38
CA GLU A 150 -4.07 20.61 -6.07
CA GLU A 150 -4.05 20.61 -6.17
C GLU A 150 -2.60 20.37 -5.69
N LEU A 151 -2.37 19.29 -4.95
CA LEU A 151 -1.01 18.93 -4.54
C LEU A 151 -0.09 18.64 -5.72
N VAL A 152 -0.63 18.05 -6.78
CA VAL A 152 0.14 17.80 -8.00
C VAL A 152 0.49 19.14 -8.66
N ASP A 153 -0.49 20.04 -8.78
CA ASP A 153 -0.27 21.34 -9.40
C ASP A 153 0.67 22.26 -8.62
N GLU A 154 0.79 22.02 -7.31
CA GLU A 154 1.69 22.80 -6.47
C GLU A 154 3.07 22.15 -6.34
N GLY A 155 3.24 20.98 -6.93
CA GLY A 155 4.56 20.32 -6.98
C GLY A 155 4.95 19.53 -5.75
N LEU A 156 4.03 19.36 -4.81
CA LEU A 156 4.32 18.61 -3.56
C LEU A 156 4.36 17.11 -3.81
N VAL A 157 3.61 16.65 -4.79
CA VAL A 157 3.55 15.21 -5.12
C VAL A 157 3.56 14.99 -6.63
N LYS A 158 4.20 13.93 -7.09
CA LYS A 158 4.25 13.67 -8.54
C LYS A 158 3.04 12.91 -9.10
N ALA A 159 2.41 12.10 -8.25
CA ALA A 159 1.28 11.25 -8.65
C ALA A 159 0.37 11.09 -7.44
N ILE A 160 -0.92 10.91 -7.70
CA ILE A 160 -1.88 10.68 -6.64
C ILE A 160 -2.66 9.40 -6.92
N GLY A 161 -3.18 8.77 -5.86
CA GLY A 161 -3.90 7.53 -6.02
C GLY A 161 -4.82 7.30 -4.84
N ILE A 162 -5.32 6.07 -4.76
CA ILE A 162 -6.32 5.68 -3.79
C ILE A 162 -5.92 4.34 -3.16
N SER A 163 -6.61 3.98 -2.08
CA SER A 163 -6.32 2.75 -1.37
C SER A 163 -7.60 2.27 -0.69
N ASN A 164 -7.90 0.96 -0.82
CA ASN A 164 -9.13 0.38 -0.23
C ASN A 164 -10.42 0.90 -0.87
N PHE A 165 -10.35 1.30 -2.13
CA PHE A 165 -11.55 1.74 -2.86
C PHE A 165 -12.13 0.54 -3.60
N ASN A 166 -13.44 0.34 -3.47
CA ASN A 166 -14.14 -0.69 -4.26
C ASN A 166 -14.40 -0.19 -5.69
N HIS A 167 -14.85 -1.05 -6.60
CA HIS A 167 -14.96 -0.62 -8.00
C HIS A 167 -15.96 0.52 -8.22
N LEU A 168 -17.01 0.59 -7.42
CA LEU A 168 -17.96 1.69 -7.54
C LEU A 168 -17.35 3.02 -7.10
N GLN A 169 -16.47 2.95 -6.13
CA GLN A 169 -15.78 4.15 -5.63
C GLN A 169 -14.74 4.64 -6.60
N VAL A 170 -14.01 3.72 -7.23
CA VAL A 170 -13.10 4.07 -8.34
C VAL A 170 -13.88 4.72 -9.47
N GLU A 171 -15.00 4.10 -9.84
CA GLU A 171 -15.88 4.63 -10.88
CA GLU A 171 -15.84 4.64 -10.90
C GLU A 171 -16.30 6.07 -10.59
N MET A 172 -16.68 6.34 -9.35
N MET A 172 -16.66 6.32 -9.33
CA MET A 172 -17.10 7.71 -8.98
CA MET A 172 -17.07 7.66 -8.88
C MET A 172 -16.00 8.72 -9.30
C MET A 172 -16.02 8.73 -9.18
N ILE A 173 -14.75 8.37 -9.01
CA ILE A 173 -13.64 9.27 -9.33
C ILE A 173 -13.45 9.41 -10.85
N LEU A 174 -13.49 8.28 -11.56
CA LEU A 174 -13.31 8.30 -13.02
C LEU A 174 -14.39 9.14 -13.73
N ASN A 175 -15.58 9.22 -13.13
CA ASN A 175 -16.69 9.97 -13.68
C ASN A 175 -16.87 11.35 -13.07
N LYS A 176 -15.87 11.83 -12.33
CA LYS A 176 -15.98 13.13 -11.64
C LYS A 176 -15.97 14.25 -12.67
N PRO A 177 -16.94 15.19 -12.53
CA PRO A 177 -16.97 16.37 -13.39
C PRO A 177 -15.71 17.17 -13.18
N GLY A 178 -14.96 17.38 -14.26
CA GLY A 178 -13.77 18.18 -14.22
C GLY A 178 -12.54 17.43 -13.75
N LEU A 179 -12.59 16.09 -13.79
CA LEU A 179 -11.43 15.27 -13.43
C LEU A 179 -10.16 15.74 -14.18
N LYS A 180 -9.09 16.03 -13.43
CA LYS A 180 -7.85 16.55 -14.01
C LYS A 180 -6.76 15.47 -14.07
N TYR A 181 -6.57 14.76 -12.95
CA TYR A 181 -5.60 13.67 -12.87
C TYR A 181 -6.29 12.39 -12.46
N LYS A 182 -6.17 11.35 -13.28
CA LYS A 182 -6.72 10.03 -12.94
C LYS A 182 -5.89 9.42 -11.79
N PRO A 183 -6.52 8.59 -10.93
CA PRO A 183 -5.74 7.85 -9.93
C PRO A 183 -4.69 6.95 -10.59
N ALA A 184 -3.45 7.01 -10.12
CA ALA A 184 -2.35 6.25 -10.73
C ALA A 184 -2.33 4.81 -10.22
N VAL A 185 -2.77 4.63 -8.98
CA VAL A 185 -2.60 3.39 -8.22
C VAL A 185 -3.82 3.19 -7.33
N ASN A 186 -4.26 1.93 -7.16
CA ASN A 186 -5.18 1.56 -6.10
C ASN A 186 -4.45 0.50 -5.28
N GLN A 187 -4.20 0.81 -4.01
CA GLN A 187 -3.48 -0.12 -3.13
C GLN A 187 -4.50 -0.88 -2.28
N ILE A 188 -4.50 -2.22 -2.44
CA ILE A 188 -5.51 -3.08 -1.80
C ILE A 188 -4.89 -4.34 -1.20
N GLU A 189 -5.61 -4.95 -0.27
CA GLU A 189 -5.19 -6.19 0.34
C GLU A 189 -5.27 -7.28 -0.73
N CYS A 190 -4.21 -8.08 -0.85
CA CYS A 190 -4.18 -9.13 -1.90
C CYS A 190 -3.18 -10.22 -1.56
N HIS A 191 -3.67 -11.45 -1.52
CA HIS A 191 -2.84 -12.64 -1.19
C HIS A 191 -3.64 -13.88 -1.62
N PRO A 192 -3.05 -15.09 -1.52
CA PRO A 192 -3.83 -16.24 -2.00
C PRO A 192 -5.17 -16.54 -1.31
N TYR A 193 -5.40 -15.98 -0.12
CA TYR A 193 -6.71 -16.19 0.52
C TYR A 193 -7.73 -15.09 0.17
N LEU A 194 -7.26 -14.04 -0.49
CA LEU A 194 -8.11 -12.91 -0.96
C LEU A 194 -7.54 -12.42 -2.29
N THR A 195 -7.90 -13.11 -3.38
CA THR A 195 -7.21 -12.97 -4.66
C THR A 195 -7.65 -11.75 -5.49
N GLN A 196 -8.85 -11.24 -5.20
CA GLN A 196 -9.30 -9.98 -5.78
C GLN A 196 -9.35 -9.94 -7.33
N GLU A 197 -9.69 -11.07 -7.97
N GLU A 197 -9.70 -11.06 -7.97
CA GLU A 197 -9.66 -11.12 -9.44
CA GLU A 197 -9.64 -11.13 -9.43
C GLU A 197 -10.48 -10.00 -10.07
C GLU A 197 -10.51 -10.06 -10.11
N LYS A 198 -11.71 -9.84 -9.60
CA LYS A 198 -12.66 -8.87 -10.16
C LYS A 198 -12.17 -7.43 -10.07
N LEU A 199 -11.74 -7.03 -8.88
CA LEU A 199 -11.26 -5.65 -8.67
C LEU A 199 -9.96 -5.38 -9.44
N ILE A 200 -9.06 -6.36 -9.47
CA ILE A 200 -7.79 -6.21 -10.20
C ILE A 200 -8.05 -6.06 -11.69
N GLN A 201 -8.94 -6.92 -12.24
CA GLN A 201 -9.27 -6.83 -13.67
C GLN A 201 -9.88 -5.45 -14.01
N TYR A 202 -10.78 -4.98 -13.15
CA TYR A 202 -11.42 -3.68 -13.32
C TYR A 202 -10.37 -2.55 -13.36
N CYS A 203 -9.48 -2.54 -12.36
CA CYS A 203 -8.49 -1.50 -12.24
C CYS A 203 -7.53 -1.52 -13.44
N GLN A 204 -7.02 -2.70 -13.77
CA GLN A 204 -6.07 -2.82 -14.89
C GLN A 204 -6.68 -2.39 -16.21
N SER A 205 -7.97 -2.67 -16.40
CA SER A 205 -8.67 -2.29 -17.62
C SER A 205 -8.85 -0.75 -17.75
N LYS A 206 -8.78 -0.05 -16.61
CA LYS A 206 -8.85 1.41 -16.58
C LYS A 206 -7.47 2.07 -16.54
N GLY A 207 -6.42 1.27 -16.64
CA GLY A 207 -5.05 1.76 -16.63
C GLY A 207 -4.53 2.21 -15.27
N ILE A 208 -5.15 1.70 -14.20
CA ILE A 208 -4.78 1.97 -12.82
C ILE A 208 -3.91 0.80 -12.32
N VAL A 209 -2.72 1.12 -11.81
CA VAL A 209 -1.81 0.08 -11.31
C VAL A 209 -2.29 -0.36 -9.93
N VAL A 210 -2.27 -1.66 -9.69
CA VAL A 210 -2.67 -2.18 -8.38
C VAL A 210 -1.44 -2.57 -7.56
N THR A 211 -1.43 -2.13 -6.30
CA THR A 211 -0.40 -2.52 -5.32
C THR A 211 -1.06 -3.46 -4.32
N ALA A 212 -0.44 -4.63 -4.13
CA ALA A 212 -0.95 -5.62 -3.19
C ALA A 212 -0.33 -5.40 -1.83
N TYR A 213 -1.15 -5.12 -0.82
CA TYR A 213 -0.68 -5.03 0.56
C TYR A 213 -0.99 -6.30 1.37
N SER A 214 -0.34 -6.46 2.53
CA SER A 214 -0.40 -7.66 3.36
C SER A 214 -0.20 -8.94 2.52
N PRO A 215 0.86 -8.98 1.68
CA PRO A 215 1.03 -10.14 0.80
C PRO A 215 1.34 -11.45 1.53
N LEU A 216 1.83 -11.35 2.76
CA LEU A 216 2.14 -12.51 3.58
C LEU A 216 1.02 -12.81 4.57
N GLY A 217 -0.08 -12.06 4.46
CA GLY A 217 -1.24 -12.25 5.33
C GLY A 217 -1.08 -11.55 6.67
N SER A 218 -0.14 -10.60 6.76
CA SER A 218 0.00 -9.75 7.96
C SER A 218 0.00 -10.55 9.29
N PRO A 219 0.92 -11.51 9.44
CA PRO A 219 0.85 -12.32 10.68
C PRO A 219 1.04 -11.52 11.98
N ASP A 220 1.65 -10.33 11.90
CA ASP A 220 1.83 -9.45 13.06
C ASP A 220 0.70 -8.45 13.32
N ARG A 221 -0.40 -8.54 12.54
CA ARG A 221 -1.54 -7.65 12.78
C ARG A 221 -1.99 -7.80 14.23
N PRO A 222 -2.35 -6.68 14.88
CA PRO A 222 -2.61 -6.72 16.34
C PRO A 222 -3.80 -7.61 16.73
N TRP A 223 -4.74 -7.82 15.81
CA TRP A 223 -5.96 -8.56 16.12
C TRP A 223 -5.90 -10.03 15.70
N ALA A 224 -4.72 -10.49 15.30
CA ALA A 224 -4.53 -11.90 14.94
C ALA A 224 -4.93 -12.82 16.10
N LYS A 225 -5.62 -13.91 15.79
CA LYS A 225 -5.97 -14.92 16.79
C LYS A 225 -5.24 -16.22 16.46
N PRO A 226 -4.92 -17.04 17.49
CA PRO A 226 -4.07 -18.23 17.26
C PRO A 226 -4.68 -19.26 16.31
N GLU A 227 -6.01 -19.27 16.20
CA GLU A 227 -6.66 -20.23 15.32
C GLU A 227 -6.77 -19.77 13.85
N ASP A 228 -6.45 -18.49 13.59
CA ASP A 228 -6.54 -17.89 12.25
C ASP A 228 -5.72 -18.64 11.19
N PRO A 229 -6.14 -18.56 9.91
CA PRO A 229 -5.31 -19.13 8.84
C PRO A 229 -3.93 -18.45 8.76
N SER A 230 -2.91 -19.22 8.39
CA SER A 230 -1.55 -18.73 8.20
C SER A 230 -1.04 -19.12 6.80
N LEU A 231 -0.87 -18.14 5.92
CA LEU A 231 -0.31 -18.38 4.59
C LEU A 231 1.11 -18.94 4.64
N LEU A 232 1.94 -18.41 5.52
CA LEU A 232 3.34 -18.86 5.60
C LEU A 232 3.46 -20.33 6.00
N GLU A 233 2.43 -20.86 6.65
CA GLU A 233 2.45 -22.24 7.14
CA GLU A 233 2.46 -22.25 7.12
C GLU A 233 1.52 -23.16 6.33
N ASP A 234 0.91 -22.63 5.27
CA ASP A 234 0.01 -23.43 4.43
C ASP A 234 0.83 -24.52 3.73
N PRO A 235 0.53 -25.82 3.99
CA PRO A 235 1.41 -26.86 3.42
C PRO A 235 1.39 -26.93 1.89
N ARG A 236 0.32 -26.47 1.28
CA ARG A 236 0.21 -26.45 -0.19
C ARG A 236 1.14 -25.41 -0.80
N ILE A 237 1.26 -24.27 -0.14
CA ILE A 237 2.19 -23.24 -0.57
C ILE A 237 3.64 -23.66 -0.26
N LYS A 238 3.84 -24.32 0.87
CA LYS A 238 5.16 -24.87 1.21
C LYS A 238 5.70 -25.78 0.09
N ALA A 239 4.81 -26.62 -0.47
CA ALA A 239 5.18 -27.58 -1.51
C ALA A 239 5.57 -26.88 -2.80
N ILE A 240 4.87 -25.81 -3.15
CA ILE A 240 5.25 -25.02 -4.32
C ILE A 240 6.60 -24.37 -4.10
N ALA A 241 6.81 -23.80 -2.93
CA ALA A 241 8.12 -23.22 -2.60
C ALA A 241 9.25 -24.26 -2.73
N ALA A 242 9.02 -25.45 -2.14
CA ALA A 242 10.01 -26.53 -2.15
C ALA A 242 10.38 -26.96 -3.58
N LYS A 243 9.39 -27.06 -4.46
CA LYS A 243 9.63 -27.36 -5.89
C LYS A 243 10.59 -26.37 -6.56
N HIS A 244 10.57 -25.12 -6.12
CA HIS A 244 11.40 -24.07 -6.71
C HIS A 244 12.68 -23.75 -5.91
N ASN A 245 12.91 -24.45 -4.79
CA ASN A 245 14.04 -24.17 -3.90
CA ASN A 245 14.05 -24.17 -3.90
C ASN A 245 14.05 -22.72 -3.39
N LYS A 246 12.86 -22.22 -3.05
CA LYS A 246 12.67 -20.88 -2.50
C LYS A 246 11.85 -21.02 -1.22
N THR A 247 11.80 -19.95 -0.41
CA THR A 247 10.99 -19.97 0.79
C THR A 247 9.53 -19.66 0.45
N THR A 248 8.62 -19.98 1.37
N THR A 248 8.67 -19.97 1.39
CA THR A 248 7.21 -19.64 1.14
CA THR A 248 7.25 -19.69 1.27
C THR A 248 7.00 -18.15 0.97
C THR A 248 6.98 -18.19 1.04
N ALA A 249 7.72 -17.35 1.76
CA ALA A 249 7.62 -15.90 1.61
C ALA A 249 8.02 -15.46 0.20
N GLN A 250 9.08 -16.05 -0.34
CA GLN A 250 9.49 -15.73 -1.71
C GLN A 250 8.42 -16.06 -2.75
N VAL A 251 7.76 -17.21 -2.57
CA VAL A 251 6.63 -17.56 -3.44
C VAL A 251 5.48 -16.56 -3.31
N LEU A 252 5.16 -16.20 -2.07
CA LEU A 252 4.05 -15.27 -1.81
C LEU A 252 4.30 -13.86 -2.37
N ILE A 253 5.57 -13.47 -2.47
CA ILE A 253 5.97 -12.19 -3.06
C ILE A 253 6.02 -12.27 -4.57
N ARG A 254 6.48 -13.41 -5.10
CA ARG A 254 6.58 -13.58 -6.54
C ARG A 254 5.19 -13.63 -7.18
N PHE A 255 4.23 -14.26 -6.48
CA PHE A 255 2.84 -14.42 -6.96
C PHE A 255 2.21 -13.11 -7.50
N PRO A 256 2.11 -12.04 -6.67
CA PRO A 256 1.53 -10.81 -7.22
C PRO A 256 2.36 -10.18 -8.33
N MET A 257 3.68 -10.34 -8.30
CA MET A 257 4.50 -9.78 -9.35
C MET A 257 4.11 -10.34 -10.72
N GLN A 258 3.81 -11.64 -10.78
CA GLN A 258 3.42 -12.26 -12.05
C GLN A 258 2.01 -11.91 -12.53
N ARG A 259 1.22 -11.28 -11.66
CA ARG A 259 -0.08 -10.73 -12.05
C ARG A 259 0.03 -9.26 -12.43
N ASN A 260 1.27 -8.79 -12.63
CA ASN A 260 1.57 -7.36 -12.91
C ASN A 260 1.10 -6.41 -11.82
N LEU A 261 1.22 -6.86 -10.58
CA LEU A 261 0.95 -6.01 -9.41
C LEU A 261 2.25 -5.56 -8.80
N VAL A 262 2.20 -4.46 -8.06
CA VAL A 262 3.29 -3.99 -7.24
C VAL A 262 3.05 -4.66 -5.87
N VAL A 263 4.12 -4.98 -5.12
CA VAL A 263 3.93 -5.70 -3.85
C VAL A 263 4.86 -5.12 -2.77
N ILE A 264 4.34 -4.99 -1.54
CA ILE A 264 5.06 -4.26 -0.50
C ILE A 264 5.15 -5.03 0.82
N PRO A 265 5.91 -6.15 0.85
CA PRO A 265 6.01 -6.89 2.11
C PRO A 265 6.74 -6.07 3.18
N LYS A 266 6.27 -6.21 4.43
CA LYS A 266 6.90 -5.53 5.56
C LYS A 266 7.84 -6.46 6.30
N SER A 267 9.04 -5.97 6.62
CA SER A 267 9.91 -6.66 7.59
C SER A 267 10.81 -5.65 8.28
N VAL A 268 11.14 -5.91 9.55
CA VAL A 268 12.20 -5.19 10.25
C VAL A 268 13.42 -6.09 10.51
N THR A 269 13.40 -7.30 9.96
CA THR A 269 14.46 -8.27 10.21
C THR A 269 15.43 -8.24 9.04
N PRO A 270 16.69 -7.81 9.28
CA PRO A 270 17.62 -7.69 8.14
C PRO A 270 17.71 -8.90 7.21
N GLU A 271 17.75 -10.12 7.75
N GLU A 271 17.75 -10.11 7.78
CA GLU A 271 17.88 -11.30 6.90
CA GLU A 271 17.82 -11.36 7.01
C GLU A 271 16.62 -11.60 6.08
C GLU A 271 16.63 -11.51 6.07
N ARG A 272 15.45 -11.22 6.60
CA ARG A 272 14.21 -11.37 5.84
C ARG A 272 14.10 -10.25 4.81
N ILE A 273 14.56 -9.06 5.16
CA ILE A 273 14.58 -7.94 4.19
C ILE A 273 15.36 -8.35 2.92
N ALA A 274 16.54 -8.93 3.13
CA ALA A 274 17.35 -9.45 2.03
C ALA A 274 16.67 -10.63 1.28
N GLU A 275 16.11 -11.58 2.03
CA GLU A 275 15.43 -12.76 1.45
C GLU A 275 14.28 -12.35 0.55
N ASN A 276 13.51 -11.37 1.01
CA ASN A 276 12.32 -10.89 0.31
C ASN A 276 12.65 -10.23 -1.02
N PHE A 277 13.90 -9.77 -1.18
CA PHE A 277 14.31 -9.09 -2.41
C PHE A 277 14.81 -10.07 -3.48
N LYS A 278 15.10 -11.30 -3.07
CA LYS A 278 15.69 -12.31 -3.96
C LYS A 278 14.60 -13.09 -4.67
N VAL A 279 13.81 -12.36 -5.46
CA VAL A 279 12.62 -12.91 -6.10
C VAL A 279 12.59 -12.61 -7.60
N PHE A 280 13.73 -12.19 -8.16
CA PHE A 280 13.79 -11.86 -9.57
C PHE A 280 14.49 -12.97 -10.37
N ASP A 281 14.83 -14.07 -9.72
CA ASP A 281 15.63 -15.11 -10.37
C ASP A 281 14.87 -16.43 -10.55
N PHE A 282 13.55 -16.39 -10.40
CA PHE A 282 12.75 -17.57 -10.66
C PHE A 282 11.38 -17.16 -11.15
N GLU A 283 10.67 -18.12 -11.73
N GLU A 283 10.63 -18.12 -11.71
CA GLU A 283 9.32 -17.90 -12.22
CA GLU A 283 9.33 -17.87 -12.32
C GLU A 283 8.43 -18.99 -11.67
C GLU A 283 8.35 -18.98 -11.95
N LEU A 284 7.19 -18.61 -11.40
CA LEU A 284 6.13 -19.57 -11.14
C LEU A 284 5.51 -19.92 -12.48
N SER A 285 5.17 -21.20 -12.67
CA SER A 285 4.56 -21.62 -13.93
C SER A 285 3.10 -21.16 -13.99
N SER A 286 2.51 -21.18 -15.19
N SER A 286 2.51 -21.19 -15.19
N SER A 286 2.53 -21.16 -15.20
CA SER A 286 1.09 -20.90 -15.36
CA SER A 286 1.09 -20.89 -15.34
CA SER A 286 1.10 -20.91 -15.36
C SER A 286 0.24 -21.83 -14.48
C SER A 286 0.21 -21.83 -14.50
C SER A 286 0.28 -21.81 -14.42
N GLN A 287 0.67 -23.08 -14.37
CA GLN A 287 0.00 -24.06 -13.49
C GLN A 287 0.08 -23.68 -11.99
N ASP A 288 1.29 -23.30 -11.54
CA ASP A 288 1.50 -22.79 -10.18
C ASP A 288 0.54 -21.62 -9.92
N MET A 289 0.43 -20.71 -10.89
CA MET A 289 -0.35 -19.47 -10.70
C MET A 289 -1.83 -19.75 -10.56
N THR A 290 -2.33 -20.63 -11.44
CA THR A 290 -3.74 -21.02 -11.38
C THR A 290 -4.04 -21.74 -10.07
N THR A 291 -3.11 -22.58 -9.62
CA THR A 291 -3.26 -23.28 -8.35
C THR A 291 -3.33 -22.31 -7.15
N LEU A 292 -2.40 -21.35 -7.12
CA LEU A 292 -2.40 -20.34 -6.06
C LEU A 292 -3.69 -19.54 -6.08
N LEU A 293 -4.19 -19.22 -7.26
CA LEU A 293 -5.46 -18.49 -7.36
C LEU A 293 -6.62 -19.31 -6.77
N SER A 294 -6.52 -20.64 -6.88
CA SER A 294 -7.58 -21.56 -6.40
C SER A 294 -7.77 -21.53 -4.88
N TYR A 295 -6.78 -21.02 -4.16
CA TYR A 295 -6.80 -21.00 -2.70
C TYR A 295 -7.66 -19.86 -2.12
N ASN A 296 -8.20 -18.99 -2.97
CA ASN A 296 -9.07 -17.92 -2.49
C ASN A 296 -10.18 -18.37 -1.54
N ARG A 297 -10.35 -17.66 -0.43
CA ARG A 297 -11.45 -17.89 0.52
C ARG A 297 -12.13 -16.61 0.98
N ASN A 298 -11.87 -15.51 0.26
CA ASN A 298 -12.44 -14.21 0.62
C ASN A 298 -12.19 -13.88 2.08
N TRP A 299 -10.96 -14.16 2.51
CA TRP A 299 -10.57 -13.93 3.88
C TRP A 299 -9.79 -12.63 3.95
N ARG A 300 -10.43 -11.66 4.60
CA ARG A 300 -9.94 -10.30 4.67
C ARG A 300 -9.36 -10.02 6.06
N VAL A 301 -8.12 -9.59 6.07
CA VAL A 301 -7.39 -9.30 7.29
C VAL A 301 -7.55 -7.85 7.76
N CYS A 302 -7.70 -6.93 6.81
N CYS A 302 -7.75 -6.95 6.80
CA CYS A 302 -7.79 -5.51 7.14
CA CYS A 302 -7.79 -5.53 7.08
C CYS A 302 -9.18 -4.96 6.94
C CYS A 302 -9.20 -4.97 6.92
N ALA A 303 -9.93 -4.93 8.03
CA ALA A 303 -11.25 -4.33 8.07
C ALA A 303 -11.49 -4.07 9.56
N LEU A 304 -12.40 -3.16 9.87
CA LEU A 304 -12.63 -2.83 11.25
C LEU A 304 -14.13 -2.72 11.44
N LEU A 305 -14.65 -3.47 12.41
CA LEU A 305 -16.08 -3.49 12.69
C LEU A 305 -16.65 -2.10 13.04
N SER A 306 -15.87 -1.28 13.72
CA SER A 306 -16.28 0.08 14.12
C SER A 306 -16.59 0.98 12.92
N CYS A 307 -16.10 0.59 11.74
CA CYS A 307 -16.29 1.39 10.52
C CYS A 307 -17.42 0.93 9.59
N THR A 308 -18.07 -0.18 9.93
CA THR A 308 -19.03 -0.80 8.99
C THR A 308 -20.34 -0.05 8.77
N SER A 309 -20.62 0.94 9.61
CA SER A 309 -21.78 1.82 9.38
C SER A 309 -21.46 3.10 8.63
N HIS A 310 -20.18 3.36 8.36
CA HIS A 310 -19.81 4.54 7.59
C HIS A 310 -20.39 4.40 6.18
N LYS A 311 -20.96 5.48 5.61
CA LYS A 311 -21.61 5.41 4.29
C LYS A 311 -20.63 5.00 3.19
N ASP A 312 -19.36 5.28 3.39
CA ASP A 312 -18.34 4.95 2.39
C ASP A 312 -17.50 3.73 2.77
N TYR A 313 -17.95 2.96 3.77
CA TYR A 313 -17.30 1.68 4.05
C TYR A 313 -17.18 0.86 2.76
N PRO A 314 -15.96 0.40 2.42
CA PRO A 314 -15.80 -0.11 1.07
C PRO A 314 -16.14 -1.59 0.85
N PHE A 315 -16.31 -2.35 1.93
CA PHE A 315 -16.39 -3.81 1.79
C PHE A 315 -17.78 -4.46 1.89
N HIS A 316 -18.85 -3.66 1.77
CA HIS A 316 -20.21 -4.23 1.59
C HIS A 316 -20.42 -4.72 0.16
N GLU A 317 -19.92 -3.98 -0.83
CA GLU A 317 -19.99 -4.37 -2.23
C GLU A 317 -19.18 -5.64 -2.48
N GLU A 318 -19.59 -6.43 -3.47
CA GLU A 318 -18.83 -7.64 -3.82
C GLU A 318 -17.37 -7.31 -4.19
N PHE A 319 -17.16 -6.24 -4.95
CA PHE A 319 -15.80 -5.81 -5.31
C PHE A 319 -15.79 -4.33 -5.68
PA NDP B . 2.88 -8.47 5.59
O1A NDP B . 1.89 -9.35 4.88
O2A NDP B . 3.93 -7.81 4.77
O5B NDP B . 3.55 -9.36 6.75
C5B NDP B . 4.48 -8.79 7.66
C4B NDP B . 4.87 -9.89 8.64
O4B NDP B . 5.59 -10.89 7.93
C3B NDP B . 5.78 -9.37 9.73
O3B NDP B . 5.40 -10.02 10.98
C2B NDP B . 7.15 -9.85 9.29
O2B NDP B . 8.01 -10.08 10.41
C1B NDP B . 6.83 -11.14 8.56
N9A NDP B . 7.79 -11.47 7.48
C8A NDP B . 8.25 -10.64 6.52
N7A NDP B . 9.10 -11.34 5.73
C5A NDP B . 9.14 -12.61 6.19
C6A NDP B . 9.83 -13.74 5.75
N6A NDP B . 10.68 -13.68 4.68
N1A NDP B . 9.67 -14.90 6.45
C2A NDP B . 8.85 -14.96 7.53
N3A NDP B . 8.17 -13.88 7.96
C4A NDP B . 8.30 -12.70 7.29
O3 NDP B . 2.05 -7.44 6.50
PN NDP B . 1.54 -5.90 6.40
O1N NDP B . 2.48 -5.06 7.23
O2N NDP B . 0.10 -5.92 6.83
O5D NDP B . 1.52 -5.46 4.85
C5D NDP B . 2.69 -4.98 4.20
C4D NDP B . 2.59 -3.46 4.06
O4D NDP B . 1.43 -3.06 3.29
C3D NDP B . 2.37 -2.69 5.36
O3D NDP B . 3.54 -2.62 6.19
C2D NDP B . 1.95 -1.34 4.82
O2D NDP B . 3.12 -0.65 4.32
C1D NDP B . 1.02 -1.74 3.67
N1N NDP B . -0.41 -1.77 4.11
C2N NDP B . -1.23 -0.84 3.64
C3N NDP B . -2.57 -0.85 4.04
C7N NDP B . -3.56 0.17 3.53
O7N NDP B . -4.66 0.28 4.05
N7N NDP B . -3.25 0.91 2.48
C4N NDP B . -3.01 -1.81 4.96
C5N NDP B . -2.13 -2.79 5.44
C6N NDP B . -0.80 -2.75 4.97
P2B NDP B . 9.23 -9.10 10.82
O1X NDP B . 8.83 -7.68 10.46
O2X NDP B . 9.31 -9.41 12.29
O3X NDP B . 10.47 -9.59 10.10
F1 Q74 C . -13.57 1.52 6.55
C2 Q74 C . -12.37 1.46 7.19
C3 Q74 C . -11.85 0.21 7.54
F4 Q74 C . -12.49 -0.92 7.29
C5 Q74 C . -11.64 2.61 7.45
C6 Q74 C . -10.39 2.49 8.10
F7 Q74 C . -9.72 3.63 8.37
C8 Q74 C . -9.90 1.22 8.45
C9 Q74 C . -10.63 0.08 8.15
N10 Q74 C . -9.99 -1.05 8.57
S11 Q74 C . -8.39 0.91 9.20
C12 Q74 C . -8.81 -0.81 9.15
C13 Q74 C . -7.80 -1.81 9.72
C14 Q74 C . -6.45 -1.18 9.88
C15 Q74 C . -5.93 -0.55 11.00
C16 Q74 C . -6.41 -0.32 12.29
C17 Q74 C . -5.48 -1.10 8.88
N18 Q74 C . -4.38 -0.46 9.32
C19 Q74 C . -3.16 -0.17 8.57
C20 Q74 C . -3.49 0.77 7.44
O21 Q74 C . -4.60 1.32 7.41
O22 Q74 C . -2.63 0.95 6.58
C23 Q74 C . -4.59 -0.09 10.60
N24 Q74 C . -3.83 0.57 11.50
C25 Q74 C . -4.29 0.80 12.75
C26 Q74 C . -5.56 0.37 13.16
#